data_4GBM
#
_entry.id   4GBM
#
_cell.length_a   45.856
_cell.length_b   67.299
_cell.length_c   118.016
_cell.angle_alpha   90.000
_cell.angle_beta   90.000
_cell.angle_gamma   90.000
#
_symmetry.space_group_name_H-M   'P 21 21 21'
#
loop_
_entity.id
_entity.type
_entity.pdbx_description
1 polymer 'CurM Sulfotransferase'
2 non-polymer 'ZINC ION'
3 non-polymer "ADENOSINE-3'-5'-DIPHOSPHATE"
4 non-polymer 'CHLORIDE ION'
5 non-polymer 'SULFATE ION'
6 non-polymer 'HEXAETHYLENE GLYCOL'
7 water water
#
_entity_poly.entity_id   1
_entity_poly.type   'polypeptide(L)'
_entity_poly.pdbx_seq_one_letter_code
;SNASPTSLEIFATKSSPSGNSARPASVSSRLPGIIFILSSPRSGSTLLRVMLAGHSSLFSPPELHLLPFNTMKERQEQLN
LSYLGEGLQKTFMEVKNLDATASQALIKDLESQNLSIQQVYGMLQENIAPRLLVDKSPTYAMEPTILERGEALFANSKYI
YLVRHPYSVIESFVRMRMQKLVGLGEENPYRVAEQVWAKSNQNILNFLSQLEPERQHQIRYEDLVKKPQQVLSQLCDFLN
VPFEPELLQPYQGDRMTGGVHAASLSISDPNFLKHNTIDESLADKWKTIQLPYPLKSETQRIASQLSYELPNLVTTPTNQ
QPQ
;
_entity_poly.pdbx_strand_id   A
#
loop_
_chem_comp.id
_chem_comp.type
_chem_comp.name
_chem_comp.formula
A3P RNA linking ADENOSINE-3'-5'-DIPHOSPHATE 'C10 H15 N5 O10 P2'
CL non-polymer 'CHLORIDE ION' 'Cl -1'
P6G non-polymer 'HEXAETHYLENE GLYCOL' 'C12 H26 O7'
SO4 non-polymer 'SULFATE ION' 'O4 S -2'
ZN non-polymer 'ZINC ION' 'Zn 2'
#
# COMPACT_ATOMS: atom_id res chain seq x y z
N SER A 29 -13.94 15.08 -15.34
CA SER A 29 -14.38 13.69 -15.68
C SER A 29 -13.43 12.66 -15.07
N ARG A 30 -13.99 11.63 -14.46
CA ARG A 30 -13.18 10.63 -13.76
CA ARG A 30 -13.21 10.61 -13.75
C ARG A 30 -12.50 9.65 -14.71
N LEU A 31 -11.33 9.17 -14.29
CA LEU A 31 -10.57 8.18 -15.03
C LEU A 31 -11.19 6.80 -14.81
N PRO A 32 -10.91 5.84 -15.71
CA PRO A 32 -11.32 4.46 -15.48
C PRO A 32 -10.77 3.94 -14.15
N GLY A 33 -11.54 3.09 -13.48
CA GLY A 33 -11.15 2.58 -12.17
C GLY A 33 -9.83 1.84 -12.13
N ILE A 34 -9.15 1.96 -11.00
CA ILE A 34 -7.92 1.21 -10.76
C ILE A 34 -8.11 0.31 -9.55
N ILE A 35 -7.02 -0.29 -9.08
CA ILE A 35 -7.05 -1.13 -7.88
C ILE A 35 -6.21 -0.44 -6.80
N PHE A 36 -6.80 -0.26 -5.62
CA PHE A 36 -6.05 0.27 -4.47
C PHE A 36 -5.80 -0.80 -3.43
N ILE A 37 -4.61 -0.80 -2.82
CA ILE A 37 -4.38 -1.61 -1.62
C ILE A 37 -4.33 -0.66 -0.44
N LEU A 38 -5.30 -0.82 0.48
CA LEU A 38 -5.36 0.01 1.69
C LEU A 38 -4.99 -0.79 2.91
N SER A 39 -4.13 -0.21 3.74
CA SER A 39 -3.72 -0.91 4.97
C SER A 39 -3.04 0.01 5.94
N SER A 40 -2.94 -0.45 7.17
CA SER A 40 -2.05 0.14 8.16
CA SER A 40 -2.05 0.17 8.14
C SER A 40 -0.60 -0.16 7.75
N PRO A 41 0.37 0.67 8.17
CA PRO A 41 1.77 0.30 8.03
C PRO A 41 2.06 -1.11 8.59
N ARG A 42 3.08 -1.77 8.05
CA ARG A 42 3.62 -3.03 8.56
C ARG A 42 2.67 -4.23 8.42
N SER A 43 1.77 -4.18 7.44
CA SER A 43 0.73 -5.21 7.30
C SER A 43 1.00 -6.20 6.16
N GLY A 44 2.23 -6.16 5.63
CA GLY A 44 2.60 -7.01 4.49
C GLY A 44 2.15 -6.43 3.16
N SER A 45 1.94 -5.11 3.11
CA SER A 45 1.45 -4.46 1.88
C SER A 45 2.44 -4.57 0.72
N THR A 46 3.74 -4.46 1.01
CA THR A 46 4.78 -4.57 -0.02
C THR A 46 4.81 -5.99 -0.58
N LEU A 47 4.79 -6.98 0.31
CA LEU A 47 4.69 -8.37 -0.14
C LEU A 47 3.52 -8.55 -1.11
N LEU A 48 2.34 -8.09 -0.72
CA LEU A 48 1.17 -8.22 -1.59
C LEU A 48 1.35 -7.50 -2.93
N ARG A 49 1.84 -6.26 -2.90
CA ARG A 49 2.00 -5.54 -4.17
C ARG A 49 3.02 -6.22 -5.08
N VAL A 50 4.04 -6.82 -4.48
CA VAL A 50 5.07 -7.55 -5.24
C VAL A 50 4.51 -8.85 -5.84
N MET A 51 3.70 -9.56 -5.07
CA MET A 51 2.99 -10.73 -5.62
C MET A 51 2.19 -10.34 -6.86
N LEU A 52 1.40 -9.27 -6.72
CA LEU A 52 0.56 -8.82 -7.84
C LEU A 52 1.37 -8.30 -9.03
N ALA A 53 2.58 -7.80 -8.78
CA ALA A 53 3.47 -7.29 -9.84
C ALA A 53 3.81 -8.36 -10.88
N GLY A 54 3.70 -9.63 -10.48
CA GLY A 54 3.97 -10.74 -11.37
C GLY A 54 2.88 -11.06 -12.38
N HIS A 55 1.68 -10.54 -12.15
CA HIS A 55 0.54 -10.86 -13.00
C HIS A 55 0.57 -10.04 -14.31
N SER A 56 0.37 -10.71 -15.44
CA SER A 56 0.44 -10.04 -16.74
C SER A 56 -0.64 -8.99 -16.99
N SER A 57 -1.73 -9.05 -16.22
CA SER A 57 -2.86 -8.12 -16.38
C SER A 57 -2.73 -6.89 -15.49
N LEU A 58 -1.72 -6.89 -14.63
CA LEU A 58 -1.59 -5.87 -13.58
C LEU A 58 -0.26 -5.14 -13.70
N PHE A 59 -0.22 -3.92 -13.20
CA PHE A 59 1.03 -3.18 -13.06
C PHE A 59 1.07 -2.65 -11.64
N SER A 60 2.05 -3.10 -10.86
CA SER A 60 2.02 -2.90 -9.41
C SER A 60 3.39 -2.38 -8.91
N PRO A 61 3.59 -1.05 -8.95
CA PRO A 61 4.88 -0.44 -8.65
C PRO A 61 5.07 -0.09 -7.17
N PRO A 62 6.31 0.28 -6.77
CA PRO A 62 6.51 0.95 -5.48
C PRO A 62 5.70 2.25 -5.46
N GLU A 63 5.50 2.79 -4.27
CA GLU A 63 4.65 3.97 -4.04
C GLU A 63 4.88 5.10 -5.03
N LEU A 64 3.80 5.54 -5.67
CA LEU A 64 3.86 6.62 -6.66
C LEU A 64 3.80 8.01 -6.02
N HIS A 65 3.23 8.09 -4.82
CA HIS A 65 3.08 9.38 -4.11
C HIS A 65 2.37 10.46 -4.96
N LEU A 66 1.32 10.04 -5.67
CA LEU A 66 0.53 10.96 -6.48
C LEU A 66 -0.76 11.37 -5.77
N LEU A 67 -1.49 10.37 -5.27
CA LEU A 67 -2.83 10.58 -4.71
C LEU A 67 -2.98 11.72 -3.68
N PRO A 68 -1.97 11.96 -2.81
CA PRO A 68 -2.13 13.04 -1.84
C PRO A 68 -2.08 14.48 -2.41
N PHE A 69 -1.71 14.64 -3.68
CA PHE A 69 -1.44 15.97 -4.24
C PHE A 69 -2.37 16.33 -5.39
N ASN A 70 -2.58 17.63 -5.60
CA ASN A 70 -3.41 18.09 -6.71
C ASN A 70 -2.63 18.30 -8.00
N THR A 71 -1.40 18.80 -7.88
CA THR A 71 -0.57 19.12 -9.05
C THR A 71 0.86 18.62 -8.86
N MET A 72 1.58 18.46 -9.97
CA MET A 72 2.95 17.95 -9.91
C MET A 72 3.95 18.90 -9.23
N LYS A 73 3.72 20.21 -9.32
CA LYS A 73 4.54 21.18 -8.59
C LYS A 73 4.34 21.08 -7.08
N GLU A 74 3.08 20.93 -6.65
CA GLU A 74 2.76 20.68 -5.25
C GLU A 74 3.50 19.45 -4.74
N ARG A 75 3.43 18.37 -5.52
CA ARG A 75 4.10 17.12 -5.19
C ARG A 75 5.62 17.30 -5.06
N GLN A 76 6.23 17.96 -6.03
CA GLN A 76 7.68 18.19 -6.03
C GLN A 76 8.10 18.98 -4.79
N GLU A 77 7.31 19.99 -4.44
CA GLU A 77 7.62 20.88 -3.32
C GLU A 77 7.41 20.23 -1.95
N GLN A 78 6.44 19.33 -1.87
CA GLN A 78 6.00 18.78 -0.58
C GLN A 78 6.50 17.36 -0.30
N LEU A 79 6.89 16.63 -1.34
CA LEU A 79 7.27 15.22 -1.18
C LEU A 79 8.68 15.07 -0.60
N ASN A 80 8.73 14.74 0.68
CA ASN A 80 9.99 14.45 1.37
C ASN A 80 9.90 13.10 2.05
N LEU A 81 10.82 12.20 1.69
CA LEU A 81 10.80 10.82 2.16
C LEU A 81 12.15 10.40 2.73
N SER A 82 12.12 9.51 3.73
CA SER A 82 13.33 9.00 4.38
C SER A 82 14.26 8.28 3.41
N TYR A 83 13.67 7.55 2.47
CA TYR A 83 14.42 6.87 1.42
C TYR A 83 14.10 7.53 0.08
N LEU A 84 14.55 6.92 -1.02
CA LEU A 84 14.52 7.60 -2.31
C LEU A 84 13.15 7.70 -3.00
N GLY A 85 12.26 6.74 -2.72
CA GLY A 85 10.88 6.82 -3.21
C GLY A 85 10.73 6.97 -4.72
N GLU A 86 11.47 6.15 -5.45
CA GLU A 86 11.53 6.27 -6.91
C GLU A 86 10.47 5.46 -7.66
N GLY A 87 9.37 5.12 -6.98
CA GLY A 87 8.27 4.39 -7.62
C GLY A 87 7.87 4.98 -8.96
N LEU A 88 7.67 6.31 -8.99
CA LEU A 88 7.28 6.98 -10.23
C LEU A 88 8.38 6.93 -11.29
N GLN A 89 9.62 7.20 -10.86
CA GLN A 89 10.78 7.10 -11.76
C GLN A 89 10.93 5.69 -12.34
N LYS A 90 10.83 4.67 -11.48
CA LYS A 90 10.91 3.28 -11.91
C LYS A 90 9.76 2.90 -12.84
N THR A 91 8.57 3.46 -12.59
CA THR A 91 7.42 3.18 -13.44
C THR A 91 7.69 3.62 -14.87
N PHE A 92 8.11 4.86 -15.06
CA PHE A 92 8.42 5.34 -16.42
C PHE A 92 9.58 4.59 -17.05
N MET A 93 10.56 4.16 -16.25
CA MET A 93 11.66 3.33 -16.74
C MET A 93 11.16 2.01 -17.32
N GLU A 94 10.26 1.34 -16.61
CA GLU A 94 9.71 0.06 -17.05
C GLU A 94 8.85 0.20 -18.31
N VAL A 95 7.85 1.08 -18.23
CA VAL A 95 6.82 1.19 -19.27
C VAL A 95 7.32 1.86 -20.55
N LYS A 96 8.39 2.65 -20.44
CA LYS A 96 8.96 3.35 -21.60
C LYS A 96 10.38 2.89 -21.96
N ASN A 97 10.86 1.86 -21.26
CA ASN A 97 12.23 1.33 -21.45
C ASN A 97 13.29 2.44 -21.42
N LEU A 98 13.29 3.20 -20.32
CA LEU A 98 14.18 4.35 -20.13
C LEU A 98 15.21 4.08 -19.06
N ASP A 99 16.38 4.70 -19.19
CA ASP A 99 17.31 4.74 -18.08
C ASP A 99 16.83 5.78 -17.06
N ALA A 100 17.46 5.79 -15.88
CA ALA A 100 17.01 6.62 -14.76
C ALA A 100 17.05 8.12 -15.07
N THR A 101 18.07 8.53 -15.80
CA THR A 101 18.23 9.94 -16.15
C THR A 101 17.12 10.43 -17.08
N ALA A 102 16.75 9.60 -18.06
CA ALA A 102 15.70 9.96 -19.02
C ALA A 102 14.33 9.99 -18.35
N SER A 103 14.09 9.03 -17.45
CA SER A 103 12.84 8.98 -16.68
C SER A 103 12.71 10.22 -15.79
N GLN A 104 13.79 10.58 -15.12
CA GLN A 104 13.83 11.81 -14.30
C GLN A 104 13.55 13.07 -15.13
N ALA A 105 14.14 13.14 -16.33
CA ALA A 105 13.95 14.28 -17.24
C ALA A 105 12.47 14.42 -17.65
N LEU A 106 11.83 13.28 -17.88
CA LEU A 106 10.40 13.27 -18.21
C LEU A 106 9.56 13.79 -17.03
N ILE A 107 9.82 13.28 -15.83
CA ILE A 107 9.11 13.72 -14.63
C ILE A 107 9.29 15.22 -14.39
N LYS A 108 10.50 15.72 -14.60
CA LYS A 108 10.77 17.15 -14.44
C LYS A 108 9.97 17.99 -15.44
N ASP A 109 9.72 17.44 -16.63
CA ASP A 109 8.93 18.14 -17.63
C ASP A 109 7.47 18.22 -17.20
N LEU A 110 6.97 17.15 -16.60
CA LEU A 110 5.60 17.13 -16.08
C LEU A 110 5.45 18.14 -14.95
N GLU A 111 6.50 18.25 -14.13
CA GLU A 111 6.53 19.21 -13.03
C GLU A 111 6.59 20.66 -13.55
N SER A 112 7.41 20.88 -14.59
CA SER A 112 7.57 22.22 -15.15
CA SER A 112 7.56 22.21 -15.17
C SER A 112 6.26 22.74 -15.77
N GLN A 113 5.53 21.85 -16.46
CA GLN A 113 4.23 22.24 -17.03
C GLN A 113 3.15 22.27 -15.95
N ASN A 114 3.46 21.64 -14.82
CA ASN A 114 2.55 21.55 -13.68
C ASN A 114 1.25 20.81 -14.00
N LEU A 115 1.39 19.61 -14.54
CA LEU A 115 0.24 18.77 -14.82
C LEU A 115 -0.51 18.46 -13.53
N SER A 116 -1.81 18.27 -13.62
CA SER A 116 -2.57 17.77 -12.47
C SER A 116 -2.20 16.32 -12.20
N ILE A 117 -2.41 15.88 -10.97
CA ILE A 117 -2.17 14.48 -10.62
C ILE A 117 -3.07 13.55 -11.45
N GLN A 118 -4.30 13.99 -11.72
CA GLN A 118 -5.20 13.20 -12.56
C GLN A 118 -4.62 13.02 -13.97
N GLN A 119 -4.02 14.07 -14.54
CA GLN A 119 -3.38 13.96 -15.85
C GLN A 119 -2.23 12.96 -15.83
N VAL A 120 -1.47 12.93 -14.74
CA VAL A 120 -0.34 12.01 -14.65
C VAL A 120 -0.84 10.57 -14.54
N TYR A 121 -1.86 10.36 -13.71
CA TYR A 121 -2.49 9.05 -13.65
C TYR A 121 -3.01 8.61 -15.03
N GLY A 122 -3.62 9.53 -15.78
CA GLY A 122 -4.12 9.22 -17.11
C GLY A 122 -3.01 8.78 -18.06
N MET A 123 -1.88 9.48 -17.96
CA MET A 123 -0.65 9.15 -18.69
C MET A 123 -0.11 7.77 -18.31
N LEU A 124 -0.11 7.46 -17.03
CA LEU A 124 0.32 6.13 -16.58
C LEU A 124 -0.61 5.06 -17.13
N GLN A 125 -1.91 5.29 -17.05
CA GLN A 125 -2.91 4.33 -17.55
C GLN A 125 -2.65 4.00 -19.02
N GLU A 126 -2.42 5.01 -19.85
CA GLU A 126 -2.17 4.76 -21.27
C GLU A 126 -0.84 4.03 -21.51
N ASN A 127 0.17 4.33 -20.71
CA ASN A 127 1.47 3.71 -20.91
C ASN A 127 1.54 2.25 -20.42
N ILE A 128 0.61 1.86 -19.55
CA ILE A 128 0.56 0.47 -19.07
C ILE A 128 -0.55 -0.36 -19.74
N ALA A 129 -1.50 0.32 -20.39
CA ALA A 129 -2.64 -0.33 -21.04
C ALA A 129 -2.19 -1.53 -21.89
N PRO A 130 -2.94 -2.65 -21.85
CA PRO A 130 -4.23 -2.90 -21.20
C PRO A 130 -4.16 -3.33 -19.73
N ARG A 131 -2.97 -3.32 -19.14
CA ARG A 131 -2.80 -3.64 -17.72
C ARG A 131 -3.55 -2.66 -16.82
N LEU A 132 -3.98 -3.14 -15.66
CA LEU A 132 -4.60 -2.33 -14.62
C LEU A 132 -3.60 -1.94 -13.55
N LEU A 133 -3.59 -0.66 -13.19
CA LEU A 133 -2.72 -0.17 -12.13
C LEU A 133 -3.18 -0.63 -10.75
N VAL A 134 -2.22 -1.13 -9.97
CA VAL A 134 -2.39 -1.42 -8.56
C VAL A 134 -1.63 -0.34 -7.80
N ASP A 135 -2.39 0.45 -7.04
CA ASP A 135 -1.84 1.59 -6.31
C ASP A 135 -1.88 1.30 -4.81
N LYS A 136 -0.70 1.05 -4.23
CA LYS A 136 -0.55 0.71 -2.82
C LYS A 136 0.25 1.75 -2.04
N SER A 137 -0.30 2.20 -0.91
CA SER A 137 0.47 2.96 0.09
C SER A 137 -0.23 2.91 1.43
N PRO A 138 0.50 2.55 2.50
CA PRO A 138 -0.13 2.57 3.83
C PRO A 138 -0.50 3.98 4.28
N THR A 139 0.11 4.99 3.69
CA THR A 139 -0.14 6.36 4.12
C THR A 139 -1.54 6.88 3.73
N TYR A 140 -2.17 6.27 2.72
CA TYR A 140 -3.51 6.71 2.28
C TYR A 140 -4.53 6.65 3.41
N ALA A 141 -4.43 5.59 4.22
CA ALA A 141 -5.39 5.34 5.30
C ALA A 141 -5.23 6.30 6.47
N MET A 142 -4.16 7.07 6.49
CA MET A 142 -3.91 8.01 7.58
CA MET A 142 -3.90 8.02 7.58
C MET A 142 -4.73 9.29 7.45
N GLU A 143 -5.26 9.54 6.26
CA GLU A 143 -6.04 10.76 6.00
C GLU A 143 -7.32 10.46 5.22
N PRO A 144 -8.49 10.60 5.88
CA PRO A 144 -9.75 10.37 5.17
C PRO A 144 -9.89 11.15 3.86
N THR A 145 -9.32 12.36 3.80
CA THR A 145 -9.41 13.16 2.56
C THR A 145 -8.61 12.55 1.40
N ILE A 146 -7.57 11.79 1.70
CA ILE A 146 -6.81 11.11 0.63
C ILE A 146 -7.62 9.94 0.06
N LEU A 147 -8.22 9.15 0.95
CA LEU A 147 -9.13 8.07 0.51
C LEU A 147 -10.24 8.60 -0.39
N GLU A 148 -10.82 9.73 0.01
CA GLU A 148 -11.88 10.37 -0.77
C GLU A 148 -11.40 10.85 -2.14
N ARG A 149 -10.13 11.26 -2.23
CA ARG A 149 -9.59 11.71 -3.52
CA ARG A 149 -9.55 11.70 -3.51
C ARG A 149 -9.58 10.60 -4.56
N GLY A 150 -9.38 9.35 -4.14
CA GLY A 150 -9.43 8.21 -5.03
C GLY A 150 -10.78 8.10 -5.74
N GLU A 151 -11.84 8.29 -4.98
CA GLU A 151 -13.19 8.27 -5.53
C GLU A 151 -13.50 9.52 -6.36
N ALA A 152 -12.76 10.59 -6.13
CA ALA A 152 -12.94 11.82 -6.89
C ALA A 152 -12.26 11.76 -8.26
N LEU A 153 -11.14 11.04 -8.33
CA LEU A 153 -10.34 10.99 -9.54
C LEU A 153 -10.69 9.84 -10.47
N PHE A 154 -11.17 8.74 -9.88
CA PHE A 154 -11.40 7.49 -10.59
C PHE A 154 -12.83 7.02 -10.42
N ALA A 155 -13.35 6.35 -11.44
CA ALA A 155 -14.67 5.75 -11.37
C ALA A 155 -14.59 4.23 -11.20
N ASN A 156 -15.34 3.72 -10.21
CA ASN A 156 -15.51 2.30 -9.95
CA ASN A 156 -15.50 2.28 -10.03
C ASN A 156 -14.22 1.52 -9.66
N SER A 157 -13.30 2.18 -8.96
CA SER A 157 -12.09 1.46 -8.51
C SER A 157 -12.44 0.32 -7.55
N LYS A 158 -11.54 -0.65 -7.48
CA LYS A 158 -11.66 -1.73 -6.52
C LYS A 158 -10.66 -1.53 -5.39
N TYR A 159 -11.06 -1.91 -4.19
CA TYR A 159 -10.26 -1.72 -2.99
C TYR A 159 -9.95 -3.03 -2.31
N ILE A 160 -8.66 -3.31 -2.16
CA ILE A 160 -8.21 -4.45 -1.37
C ILE A 160 -7.86 -3.92 0.02
N TYR A 161 -8.57 -4.40 1.03
CA TYR A 161 -8.34 -3.98 2.41
C TYR A 161 -7.51 -5.05 3.09
N LEU A 162 -6.24 -4.74 3.28
CA LEU A 162 -5.28 -5.66 3.91
C LEU A 162 -5.16 -5.33 5.39
N VAL A 163 -5.41 -6.33 6.23
CA VAL A 163 -5.36 -6.19 7.69
C VAL A 163 -4.35 -7.15 8.31
N ARG A 164 -3.74 -6.72 9.41
CA ARG A 164 -2.84 -7.58 10.19
C ARG A 164 -3.13 -7.38 11.68
N HIS A 165 -2.89 -8.41 12.47
CA HIS A 165 -3.14 -8.35 13.91
C HIS A 165 -2.44 -7.13 14.51
N PRO A 166 -3.14 -6.40 15.39
CA PRO A 166 -2.52 -5.20 15.96
C PRO A 166 -1.21 -5.46 16.73
N TYR A 167 -1.09 -6.60 17.41
CA TYR A 167 0.14 -6.88 18.16
C TYR A 167 1.33 -6.94 17.22
N SER A 168 1.15 -7.58 16.07
CA SER A 168 2.20 -7.75 15.07
C SER A 168 2.59 -6.41 14.47
N VAL A 169 1.59 -5.59 14.14
CA VAL A 169 1.85 -4.28 13.57
C VAL A 169 2.57 -3.39 14.57
N ILE A 170 2.11 -3.41 15.82
CA ILE A 170 2.70 -2.56 16.85
C ILE A 170 4.17 -2.93 17.12
N GLU A 171 4.45 -4.23 17.27
CA GLU A 171 5.82 -4.69 17.52
C GLU A 171 6.73 -4.26 16.37
N SER A 172 6.25 -4.39 15.14
CA SER A 172 7.04 -4.06 13.97
C SER A 172 7.29 -2.54 13.88
N PHE A 173 6.24 -1.75 14.04
CA PHE A 173 6.33 -0.29 13.97
C PHE A 173 7.37 0.25 14.98
N VAL A 174 7.31 -0.25 16.21
CA VAL A 174 8.22 0.16 17.27
C VAL A 174 9.66 -0.30 16.97
N ARG A 175 9.81 -1.55 16.54
CA ARG A 175 11.12 -2.10 16.18
C ARG A 175 11.80 -1.29 15.08
N MET A 176 11.00 -0.83 14.12
CA MET A 176 11.50 -0.08 12.97
C MET A 176 11.67 1.41 13.26
N ARG A 177 11.30 1.80 14.49
CA ARG A 177 11.49 3.17 14.99
C ARG A 177 10.76 4.22 14.13
N MET A 178 9.53 3.91 13.77
CA MET A 178 8.76 4.76 12.87
C MET A 178 7.98 5.89 13.56
N GLN A 179 8.02 5.95 14.88
CA GLN A 179 7.24 6.97 15.63
C GLN A 179 7.49 8.41 15.15
N LYS A 180 8.71 8.69 14.68
CA LYS A 180 9.08 10.03 14.18
C LYS A 180 8.23 10.47 12.97
N LEU A 181 7.87 9.50 12.13
CA LEU A 181 7.13 9.77 10.89
C LEU A 181 5.72 10.31 11.10
N VAL A 182 5.17 10.04 12.29
CA VAL A 182 3.82 10.48 12.65
C VAL A 182 3.83 11.92 13.15
N GLY A 183 5.02 12.39 13.53
CA GLY A 183 5.17 13.69 14.19
C GLY A 183 5.00 13.53 15.70
N LEU A 184 5.17 12.29 16.17
CA LEU A 184 5.02 11.97 17.59
C LEU A 184 6.21 11.13 18.10
N GLY A 185 7.38 11.77 18.15
CA GLY A 185 8.58 11.13 18.66
C GLY A 185 8.74 11.32 20.17
N GLU A 186 7.90 12.18 20.74
CA GLU A 186 7.98 12.53 22.16
C GLU A 186 6.99 11.73 23.01
N GLU A 187 6.05 11.06 22.36
CA GLU A 187 5.07 10.21 23.04
C GLU A 187 5.55 8.76 23.12
N ASN A 188 4.84 7.94 23.89
CA ASN A 188 5.15 6.53 24.07
C ASN A 188 5.12 5.83 22.72
N PRO A 189 6.24 5.17 22.32
CA PRO A 189 6.30 4.55 20.98
C PRO A 189 5.22 3.50 20.75
N TYR A 190 4.92 2.72 21.78
CA TYR A 190 3.91 1.69 21.69
C TYR A 190 2.52 2.28 21.50
N ARG A 191 2.23 3.37 22.20
CA ARG A 191 0.94 4.05 22.03
C ARG A 191 0.83 4.75 20.68
N VAL A 192 1.95 5.32 20.21
CA VAL A 192 1.99 5.94 18.88
C VAL A 192 1.70 4.90 17.81
N ALA A 193 2.36 3.74 17.91
CA ALA A 193 2.15 2.63 16.98
C ALA A 193 0.71 2.15 17.00
N GLU A 194 0.15 2.04 18.20
CA GLU A 194 -1.24 1.61 18.39
C GLU A 194 -2.19 2.59 17.73
N GLN A 195 -1.94 3.89 17.92
CA GLN A 195 -2.78 4.92 17.32
C GLN A 195 -2.72 4.86 15.79
N VAL A 196 -1.54 4.59 15.24
CA VAL A 196 -1.41 4.46 13.78
C VAL A 196 -2.26 3.28 13.26
N TRP A 197 -2.17 2.14 13.93
CA TRP A 197 -2.96 0.97 13.54
C TRP A 197 -4.46 1.24 13.69
N ALA A 198 -4.85 1.85 14.81
CA ALA A 198 -6.26 2.11 15.11
C ALA A 198 -6.86 3.13 14.15
N LYS A 199 -6.15 4.24 13.93
CA LYS A 199 -6.65 5.31 13.06
CA LYS A 199 -6.62 5.32 13.05
C LYS A 199 -6.73 4.87 11.60
N SER A 200 -5.68 4.21 11.12
CA SER A 200 -5.65 3.71 9.74
CA SER A 200 -5.67 3.75 9.73
C SER A 200 -6.81 2.77 9.49
N ASN A 201 -6.99 1.80 10.39
CA ASN A 201 -8.06 0.83 10.23
C ASN A 201 -9.44 1.43 10.38
N GLN A 202 -9.63 2.30 11.36
CA GLN A 202 -10.93 2.97 11.49
C GLN A 202 -11.25 3.83 10.26
N ASN A 203 -10.25 4.54 9.73
CA ASN A 203 -10.44 5.36 8.53
C ASN A 203 -10.85 4.49 7.33
N ILE A 204 -10.19 3.35 7.16
CA ILE A 204 -10.55 2.43 6.07
C ILE A 204 -11.97 1.88 6.26
N LEU A 205 -12.27 1.42 7.47
CA LEU A 205 -13.62 0.92 7.77
C LEU A 205 -14.69 1.96 7.45
N ASN A 206 -14.46 3.20 7.90
CA ASN A 206 -15.40 4.29 7.63
C ASN A 206 -15.58 4.56 6.15
N PHE A 207 -14.46 4.61 5.42
CA PHE A 207 -14.47 4.87 4.00
C PHE A 207 -15.19 3.76 3.22
N LEU A 208 -14.83 2.52 3.51
CA LEU A 208 -15.41 1.39 2.79
C LEU A 208 -16.87 1.15 3.11
N SER A 209 -17.32 1.60 4.29
CA SER A 209 -18.71 1.41 4.67
C SER A 209 -19.67 2.12 3.72
N GLN A 210 -19.15 3.14 3.02
CA GLN A 210 -19.95 3.94 2.08
C GLN A 210 -19.92 3.40 0.65
N LEU A 211 -19.08 2.40 0.38
CA LEU A 211 -18.93 1.90 -0.99
C LEU A 211 -19.63 0.56 -1.19
N GLU A 212 -19.94 0.25 -2.45
CA GLU A 212 -20.59 -1.02 -2.77
C GLU A 212 -19.76 -2.19 -2.23
N PRO A 213 -20.42 -3.17 -1.58
CA PRO A 213 -19.69 -4.38 -1.16
C PRO A 213 -18.94 -5.02 -2.33
N GLU A 214 -19.48 -4.84 -3.52
CA GLU A 214 -18.93 -5.46 -4.73
C GLU A 214 -17.60 -4.84 -5.18
N ARG A 215 -17.23 -3.70 -4.61
CA ARG A 215 -15.96 -3.02 -4.96
C ARG A 215 -14.86 -3.13 -3.89
N GLN A 216 -15.08 -4.00 -2.91
CA GLN A 216 -14.13 -4.16 -1.81
C GLN A 216 -13.92 -5.62 -1.44
N HIS A 217 -12.71 -5.92 -0.99
CA HIS A 217 -12.33 -7.28 -0.66
C HIS A 217 -11.29 -7.25 0.44
N GLN A 218 -11.54 -7.98 1.53
CA GLN A 218 -10.61 -7.99 2.65
C GLN A 218 -9.64 -9.14 2.54
N ILE A 219 -8.36 -8.86 2.83
CA ILE A 219 -7.33 -9.89 2.95
C ILE A 219 -6.68 -9.76 4.32
N ARG A 220 -6.61 -10.87 5.04
CA ARG A 220 -5.88 -10.92 6.31
C ARG A 220 -4.46 -11.35 6.02
N TYR A 221 -3.51 -10.56 6.50
CA TYR A 221 -2.09 -10.88 6.34
C TYR A 221 -1.79 -12.32 6.75
N GLU A 222 -2.40 -12.75 7.85
CA GLU A 222 -2.12 -14.08 8.40
C GLU A 222 -2.54 -15.17 7.40
N ASP A 223 -3.68 -14.98 6.74
CA ASP A 223 -4.14 -15.87 5.68
C ASP A 223 -3.24 -15.77 4.45
N LEU A 224 -2.83 -14.54 4.11
CA LEU A 224 -1.99 -14.33 2.94
C LEU A 224 -0.70 -15.16 3.00
N VAL A 225 -0.05 -15.18 4.16
CA VAL A 225 1.23 -15.88 4.24
C VAL A 225 1.12 -17.37 4.58
N LYS A 226 0.03 -17.76 5.25
CA LYS A 226 -0.21 -19.18 5.56
C LYS A 226 -0.88 -19.97 4.43
N LYS A 227 -1.77 -19.30 3.70
CA LYS A 227 -2.53 -19.91 2.61
C LYS A 227 -2.54 -19.00 1.37
N PRO A 228 -1.34 -18.67 0.84
CA PRO A 228 -1.31 -17.72 -0.28
C PRO A 228 -2.09 -18.19 -1.51
N GLN A 229 -2.10 -19.48 -1.81
CA GLN A 229 -2.85 -19.99 -2.96
C GLN A 229 -4.35 -19.64 -2.86
N GLN A 230 -4.94 -19.95 -1.71
CA GLN A 230 -6.37 -19.69 -1.49
CA GLN A 230 -6.36 -19.69 -1.48
C GLN A 230 -6.67 -18.19 -1.49
N VAL A 231 -5.84 -17.41 -0.80
CA VAL A 231 -6.05 -15.97 -0.74
C VAL A 231 -5.96 -15.34 -2.13
N LEU A 232 -4.92 -15.72 -2.87
CA LEU A 232 -4.69 -15.12 -4.19
C LEU A 232 -5.72 -15.58 -5.22
N SER A 233 -6.20 -16.82 -5.09
CA SER A 233 -7.24 -17.32 -5.99
C SER A 233 -8.54 -16.54 -5.80
N GLN A 234 -8.91 -16.31 -4.53
CA GLN A 234 -10.10 -15.53 -4.20
C GLN A 234 -9.94 -14.07 -4.62
N LEU A 235 -8.74 -13.53 -4.49
CA LEU A 235 -8.44 -12.16 -4.93
C LEU A 235 -8.57 -12.05 -6.46
N CYS A 236 -8.08 -13.07 -7.17
CA CYS A 236 -8.18 -13.09 -8.63
C CYS A 236 -9.64 -13.07 -9.08
N ASP A 237 -10.50 -13.82 -8.39
CA ASP A 237 -11.93 -13.81 -8.70
C ASP A 237 -12.52 -12.41 -8.48
N PHE A 238 -12.12 -11.76 -7.40
CA PHE A 238 -12.58 -10.40 -7.11
C PHE A 238 -12.15 -9.40 -8.20
N LEU A 239 -10.91 -9.54 -8.64
CA LEU A 239 -10.34 -8.65 -9.66
C LEU A 239 -10.76 -9.02 -11.09
N ASN A 240 -11.39 -10.18 -11.26
CA ASN A 240 -11.79 -10.68 -12.59
C ASN A 240 -10.61 -10.92 -13.52
N VAL A 241 -9.53 -11.44 -12.95
CA VAL A 241 -8.37 -11.88 -13.72
C VAL A 241 -8.16 -13.38 -13.46
N PRO A 242 -7.55 -14.10 -14.42
CA PRO A 242 -7.24 -15.49 -14.14
C PRO A 242 -6.06 -15.62 -13.20
N PHE A 243 -5.99 -16.75 -12.48
CA PHE A 243 -4.80 -17.03 -11.67
C PHE A 243 -3.59 -17.22 -12.58
N GLU A 244 -2.45 -16.69 -12.17
CA GLU A 244 -1.19 -16.95 -12.85
C GLU A 244 -0.16 -17.43 -11.84
N PRO A 245 0.68 -18.39 -12.22
CA PRO A 245 1.66 -18.97 -11.28
C PRO A 245 2.60 -17.92 -10.67
N GLU A 246 2.84 -16.84 -11.42
CA GLU A 246 3.74 -15.78 -10.99
C GLU A 246 3.28 -15.09 -9.69
N LEU A 247 1.99 -15.19 -9.38
CA LEU A 247 1.48 -14.61 -8.13
C LEU A 247 2.14 -15.21 -6.89
N LEU A 248 2.52 -16.48 -6.99
CA LEU A 248 3.08 -17.22 -5.86
C LEU A 248 4.61 -17.14 -5.80
N GLN A 249 5.19 -16.36 -6.71
CA GLN A 249 6.65 -16.29 -6.82
C GLN A 249 7.18 -14.86 -6.76
N PRO A 250 7.03 -14.18 -5.61
CA PRO A 250 7.38 -12.76 -5.56
C PRO A 250 8.87 -12.45 -5.66
N TYR A 251 9.72 -13.48 -5.54
CA TYR A 251 11.18 -13.32 -5.66
C TYR A 251 11.72 -13.65 -7.05
N GLN A 252 10.81 -13.84 -8.01
CA GLN A 252 11.20 -14.13 -9.39
C GLN A 252 10.82 -12.99 -10.33
N GLY A 253 11.65 -12.76 -11.34
CA GLY A 253 11.38 -11.73 -12.35
C GLY A 253 11.69 -10.32 -11.89
N ASP A 254 11.37 -9.34 -12.72
CA ASP A 254 11.56 -7.93 -12.39
C ASP A 254 10.25 -7.39 -11.83
N ARG A 255 10.25 -7.17 -10.51
CA ARG A 255 9.07 -6.65 -9.83
C ARG A 255 9.36 -5.33 -9.15
N MET A 256 10.31 -4.60 -9.72
CA MET A 256 10.73 -3.28 -9.23
C MET A 256 11.16 -3.33 -7.77
N THR A 257 11.97 -4.35 -7.44
CA THR A 257 12.58 -4.46 -6.11
C THR A 257 14.10 -4.50 -6.23
N GLY A 258 14.59 -4.64 -7.46
CA GLY A 258 16.02 -4.82 -7.71
C GLY A 258 16.80 -3.51 -7.76
N GLY A 259 18.10 -3.62 -7.97
CA GLY A 259 19.00 -2.46 -8.03
C GLY A 259 19.24 -1.86 -6.65
N VAL A 260 19.34 -0.54 -6.60
CA VAL A 260 19.56 0.16 -5.35
C VAL A 260 18.34 -0.02 -4.45
N HIS A 261 18.57 -0.65 -3.30
CA HIS A 261 17.53 -0.98 -2.36
C HIS A 261 16.74 0.25 -1.88
N ALA A 262 17.46 1.34 -1.57
CA ALA A 262 16.84 2.57 -1.08
C ALA A 262 15.87 3.21 -2.10
N ALA A 263 16.03 2.87 -3.38
CA ALA A 263 15.22 3.46 -4.44
C ALA A 263 13.75 3.02 -4.43
N SER A 264 13.47 1.81 -3.94
CA SER A 264 12.08 1.32 -3.91
C SER A 264 11.41 1.56 -2.55
N LEU A 265 12.15 2.18 -1.63
CA LEU A 265 11.65 2.44 -0.28
C LEU A 265 11.20 3.89 -0.17
N SER A 266 10.26 4.15 0.72
CA SER A 266 9.74 5.49 0.92
C SER A 266 9.85 5.90 2.37
N ILE A 267 8.99 5.30 3.20
CA ILE A 267 8.86 5.71 4.60
C ILE A 267 9.63 4.86 5.60
N SER A 268 9.72 3.56 5.32
CA SER A 268 10.53 2.66 6.14
C SER A 268 11.02 1.53 5.24
N ASP A 269 11.56 0.47 5.86
CA ASP A 269 12.00 -0.71 5.13
C ASP A 269 10.97 -1.81 5.36
N PRO A 270 10.32 -2.30 4.28
CA PRO A 270 9.36 -3.39 4.45
C PRO A 270 10.02 -4.73 4.75
N ASN A 271 11.36 -4.78 4.62
CA ASN A 271 12.16 -5.96 4.94
C ASN A 271 11.88 -7.14 4.02
N PHE A 272 11.30 -6.84 2.87
CA PHE A 272 10.98 -7.84 1.87
C PHE A 272 12.22 -8.61 1.44
N LEU A 273 13.34 -7.90 1.26
CA LEU A 273 14.57 -8.55 0.81
C LEU A 273 15.38 -9.21 1.94
N LYS A 274 14.81 -9.24 3.15
CA LYS A 274 15.37 -10.04 4.24
C LYS A 274 14.76 -11.45 4.28
N HIS A 275 13.87 -11.72 3.32
CA HIS A 275 13.27 -13.04 3.15
C HIS A 275 13.54 -13.54 1.74
N ASN A 276 13.25 -14.81 1.49
CA ASN A 276 13.42 -15.37 0.14
C ASN A 276 12.25 -16.24 -0.30
N THR A 277 11.18 -16.21 0.50
CA THR A 277 9.94 -16.91 0.19
C THR A 277 8.79 -16.19 0.88
N ILE A 278 7.56 -16.61 0.60
CA ILE A 278 6.41 -16.15 1.38
C ILE A 278 6.54 -16.82 2.75
N ASP A 279 6.88 -16.03 3.76
CA ASP A 279 7.32 -16.61 5.04
C ASP A 279 6.15 -16.71 6.02
N GLU A 280 5.61 -17.92 6.14
CA GLU A 280 4.41 -18.15 6.95
C GLU A 280 4.64 -17.90 8.44
N SER A 281 5.90 -17.96 8.88
CA SER A 281 6.22 -17.89 10.31
C SER A 281 5.90 -16.54 10.91
N LEU A 282 5.74 -15.53 10.07
CA LEU A 282 5.48 -14.18 10.56
C LEU A 282 4.00 -13.96 10.91
N ALA A 283 3.14 -14.88 10.50
CA ALA A 283 1.70 -14.76 10.78
C ALA A 283 1.37 -14.82 12.27
N ASP A 284 1.85 -15.87 12.94
CA ASP A 284 1.41 -16.20 14.30
C ASP A 284 2.17 -15.46 15.40
N LYS A 285 2.96 -14.46 15.03
CA LYS A 285 3.77 -13.73 16.01
C LYS A 285 2.94 -13.11 17.13
N TRP A 286 1.71 -12.72 16.79
CA TRP A 286 0.79 -12.13 17.77
C TRP A 286 0.47 -13.05 18.94
N LYS A 287 0.64 -14.36 18.75
CA LYS A 287 0.35 -15.32 19.82
C LYS A 287 1.34 -15.21 20.97
N THR A 288 2.53 -14.66 20.70
CA THR A 288 3.58 -14.60 21.72
C THR A 288 4.13 -13.21 22.00
N ILE A 289 3.80 -12.23 21.14
CA ILE A 289 4.22 -10.86 21.36
C ILE A 289 3.67 -10.36 22.69
N GLN A 290 4.56 -9.79 23.49
CA GLN A 290 4.19 -9.19 24.77
C GLN A 290 4.39 -7.68 24.71
N LEU A 291 3.29 -6.94 24.59
CA LEU A 291 3.35 -5.48 24.59
C LEU A 291 3.39 -4.99 26.04
N PRO A 292 3.95 -3.79 26.28
CA PRO A 292 4.04 -3.30 27.66
C PRO A 292 2.68 -2.99 28.29
N TYR A 293 1.72 -2.60 27.46
CA TYR A 293 0.40 -2.20 27.93
C TYR A 293 -0.70 -2.95 27.18
N PRO A 294 -1.81 -3.28 27.86
CA PRO A 294 -2.97 -3.78 27.12
C PRO A 294 -3.43 -2.71 26.13
N LEU A 295 -3.96 -3.13 24.98
CA LEU A 295 -4.46 -2.17 24.01
C LEU A 295 -5.59 -1.37 24.64
N LYS A 296 -5.69 -0.11 24.23
CA LYS A 296 -6.78 0.74 24.71
C LYS A 296 -8.13 0.15 24.31
N SER A 297 -9.16 0.47 25.09
CA SER A 297 -10.51 -0.03 24.83
C SER A 297 -10.97 0.20 23.39
N GLU A 298 -10.70 1.39 22.86
CA GLU A 298 -11.12 1.72 21.49
C GLU A 298 -10.44 0.82 20.46
N THR A 299 -9.16 0.53 20.70
CA THR A 299 -8.39 -0.33 19.82
C THR A 299 -8.91 -1.76 19.89
N GLN A 300 -9.26 -2.22 21.09
CA GLN A 300 -9.82 -3.55 21.27
C GLN A 300 -11.13 -3.71 20.50
N ARG A 301 -11.94 -2.65 20.44
CA ARG A 301 -13.20 -2.72 19.69
C ARG A 301 -12.98 -2.88 18.19
N ILE A 302 -11.97 -2.17 17.65
CA ILE A 302 -11.57 -2.32 16.25
C ILE A 302 -11.09 -3.74 15.99
N ALA A 303 -10.27 -4.27 16.90
CA ALA A 303 -9.76 -5.64 16.78
C ALA A 303 -10.92 -6.64 16.74
N SER A 304 -11.93 -6.41 17.58
CA SER A 304 -13.11 -7.26 17.63
CA SER A 304 -13.10 -7.26 17.64
C SER A 304 -13.87 -7.22 16.32
N GLN A 305 -14.03 -6.02 15.76
CA GLN A 305 -14.74 -5.87 14.49
C GLN A 305 -14.02 -6.64 13.38
N LEU A 306 -12.69 -6.67 13.46
CA LEU A 306 -11.86 -7.37 12.50
C LEU A 306 -11.62 -8.84 12.84
N SER A 307 -12.29 -9.32 13.90
CA SER A 307 -12.20 -10.73 14.33
C SER A 307 -10.80 -11.18 14.77
N TYR A 308 -10.01 -10.27 15.33
CA TYR A 308 -8.73 -10.64 15.93
C TYR A 308 -8.87 -10.92 17.42
N GLU A 309 -8.24 -12.01 17.87
CA GLU A 309 -8.21 -12.40 19.29
C GLU A 309 -7.06 -11.71 19.98
N LEU A 310 -7.29 -11.28 21.23
CA LEU A 310 -6.27 -10.58 21.99
C LEU A 310 -5.84 -11.40 23.22
N PRO A 311 -4.76 -12.19 23.09
CA PRO A 311 -4.31 -12.98 24.23
C PRO A 311 -3.66 -12.14 25.35
ZN ZN B . 17.94 6.68 -8.11
ZN ZN C . 14.36 -3.78 2.46
ZN ZN D . 11.78 -15.31 6.22
ZN ZN E . 5.82 -0.41 4.91
ZN ZN F . 3.52 9.16 -0.21
P1 A3P G . 8.74 -6.70 9.68
O1P A3P G . 9.02 -5.46 10.48
O2P A3P G . 9.83 -7.05 8.71
O3P A3P G . 8.24 -7.83 10.52
P2 A3P G . 4.58 -3.33 4.84
O4P A3P G . 3.11 -3.09 4.84
O5P A3P G . 5.41 -2.28 5.51
O6P A3P G . 5.11 -3.74 3.49
O5' A3P G . 4.78 -4.62 5.79
C5' A3P G . 6.10 -5.00 6.20
C4' A3P G . 5.98 -6.35 6.85
O4' A3P G . 5.69 -7.32 5.84
C3' A3P G . 7.28 -6.82 7.46
O3' A3P G . 7.46 -6.25 8.77
C2' A3P G . 7.08 -8.33 7.46
O2' A3P G . 6.43 -8.76 8.67
C1' A3P G . 6.15 -8.59 6.29
N9 A3P G . 6.89 -9.25 5.18
C8 A3P G . 7.80 -8.71 4.36
N7 A3P G . 8.29 -9.63 3.49
C5 A3P G . 7.67 -10.80 3.77
C6 A3P G . 7.70 -12.18 3.24
N6 A3P G . 8.51 -12.50 2.20
N1 A3P G . 6.88 -13.10 3.83
C2 A3P G . 6.05 -12.78 4.85
N3 A3P G . 5.98 -11.54 5.37
C4 A3P G . 6.75 -10.54 4.87
CL CL H . 15.30 -5.67 3.15
CL CL I . 5.02 0.83 6.58
CL CL J . 4.89 0.00 2.93
CL CL K . 8.01 0.07 4.73
CL CL L . 12.77 -4.43 1.03
CL CL M . 1.55 8.24 -0.63
CL CL N . 12.28 -16.40 4.34
CL CL O . 19.21 5.23 -6.98
CL CL P . 3.30 11.39 -0.14
S SO4 Q . 10.18 10.25 -8.43
O1 SO4 Q . 8.86 10.74 -8.84
O2 SO4 Q . 10.33 10.52 -7.00
O3 SO4 Q . 10.29 8.82 -8.67
O4 SO4 Q . 11.18 11.01 -9.19
C2 P6G R . -12.63 -11.86 2.48
C3 P6G R . -13.47 -11.26 1.36
O4 P6G R . -13.71 -9.87 1.58
C5 P6G R . -15.02 -9.67 2.10
C6 P6G R . -15.38 -8.20 1.97
O7 P6G R . -14.47 -7.41 2.74
C8 P6G R . -14.61 -6.05 2.35
C9 P6G R . -13.62 -5.19 3.14
O10 P6G R . -13.77 -5.36 4.55
C11 P6G R . -14.66 -4.33 5.03
C12 P6G R . -14.68 -4.30 6.55
O13 P6G R . -14.92 -5.62 7.07
C14 P6G R . -14.98 -5.54 8.50
C15 P6G R . -15.21 -6.95 9.07
O16 P6G R . -13.98 -7.67 9.01
C17 P6G R . -14.28 -9.05 8.85
C18 P6G R . -13.69 -9.83 10.02
O19 P6G R . -14.44 -9.53 11.20
O1 P6G S . -6.86 -8.40 -20.72
C2 P6G S . -5.55 -8.07 -20.26
C3 P6G S . -5.63 -6.94 -19.22
O4 P6G S . -6.78 -7.12 -18.39
C5 P6G S . -6.74 -6.26 -17.26
C6 P6G S . -7.77 -6.77 -16.24
O7 P6G S . -9.09 -6.57 -16.75
C8 P6G S . -10.04 -7.32 -15.97
C9 P6G S . -11.40 -7.30 -16.67
O10 P6G S . -12.06 -6.06 -16.38
C11 P6G S . -12.92 -5.65 -17.45
C12 P6G S . -14.09 -4.80 -16.89
O13 P6G S . -13.60 -3.62 -16.25
C14 P6G S . -14.65 -2.95 -15.51
C15 P6G S . -14.43 -3.10 -14.00
O16 P6G S . -14.17 -1.83 -13.37
C17 P6G S . -12.77 -1.62 -13.15
C18 P6G S . -12.36 -2.00 -11.73
O19 P6G S . -10.93 -2.01 -11.61
#